data_4Q4Q
#
_entry.id   4Q4Q
#
_cell.length_a   91.272
_cell.length_b   64.850
_cell.length_c   70.427
_cell.angle_alpha   90.00
_cell.angle_beta   96.09
_cell.angle_gamma   90.00
#
_symmetry.space_group_name_H-M   'C 1 2 1'
#
loop_
_entity.id
_entity.type
_entity.pdbx_description
1 polymer 'Queuine tRNA-ribosyltransferase'
2 non-polymer 'ZINC ION'
3 non-polymer GLYCEROL
4 non-polymer 2-[(thiophen-2-ylmethyl)amino]-1,7-dihydro-8H-imidazo[4,5-g]quinazolin-8-one
5 water water
#
_entity_poly.entity_id   1
_entity_poly.type   'polypeptide(L)'
_entity_poly.pdbx_seq_one_letter_code
;MVEATAQETDRPRFSFSIAAREGKARTGTIEMKRGVIRTPAFMPVGTAATVKALKPETVRATGADIILGNTYHLMLRPGA
ERIAKLGGLHSFMGWDRPILTDSGGYQVMSLSSLTKQSEEGVTFKSHLDGSRHMLSPERSIEIQHLLGSDIVMAFDECTP
YPATPSRAASSMERSMRWAKRSRDAFDSRKEQAENAALFGIQQGSVFENLRQQSADALAEIGFDGYAVGGLAVGEGQDEM
FRVLDFSVPMLPDDKPHYLMGVGKPDDIVGAVERGIDMFDCVLPTRSGRNGQAFTWDGPINIRNARFSEDLKPLDSECHC
AVCQKWSRAYIHHLIRAGEILGAMLMTEHNIAFYQQLMQKIRDSISEGRFSQFAQDFRARYFARNS
;
_entity_poly.pdbx_strand_id   A
#
loop_
_chem_comp.id
_chem_comp.type
_chem_comp.name
_chem_comp.formula
GOL non-polymer GLYCEROL 'C3 H8 O3'
SAQ non-polymer 2-[(thiophen-2-ylmethyl)amino]-1,7-dihydro-8H-imidazo[4,5-g]quinazolin-8-one 'C14 H11 N5 O S'
ZN non-polymer 'ZINC ION' 'Zn 2'
#
# COMPACT_ATOMS: atom_id res chain seq x y z
N ASP A 10 26.88 4.82 4.61
CA ASP A 10 25.80 3.87 4.79
C ASP A 10 24.51 4.59 5.18
N ARG A 11 23.39 4.14 4.61
CA ARG A 11 22.09 4.76 4.85
C ARG A 11 21.63 4.57 6.29
N PRO A 12 20.82 5.51 6.80
CA PRO A 12 20.25 5.42 8.14
C PRO A 12 19.13 4.38 8.22
N ARG A 13 18.73 4.05 9.45
CA ARG A 13 17.58 3.18 9.67
C ARG A 13 16.34 3.77 8.98
N PHE A 14 16.13 5.06 9.18
CA PHE A 14 14.96 5.73 8.64
C PHE A 14 15.16 7.24 8.61
N SER A 15 15.01 7.82 7.42
CA SER A 15 15.05 9.28 7.28
CA SER A 15 15.04 9.27 7.29
C SER A 15 14.13 9.71 6.16
N PHE A 16 13.09 10.47 6.50
CA PHE A 16 12.15 11.01 5.54
C PHE A 16 12.50 12.47 5.28
N SER A 17 12.76 12.81 4.03
CA SER A 17 13.09 14.18 3.64
CA SER A 17 13.08 14.18 3.66
CA SER A 17 13.09 14.19 3.65
C SER A 17 12.12 14.68 2.59
N ILE A 18 11.59 15.88 2.78
CA ILE A 18 10.68 16.47 1.81
C ILE A 18 11.45 17.46 0.95
N ALA A 19 11.48 17.19 -0.36
CA ALA A 19 12.27 17.99 -1.30
C ALA A 19 11.46 19.14 -1.91
N ALA A 20 10.16 18.94 -2.06
CA ALA A 20 9.31 19.94 -2.68
C ALA A 20 7.86 19.77 -2.26
N ARG A 21 7.13 20.88 -2.27
CA ARG A 21 5.74 20.92 -1.84
CA ARG A 21 5.73 20.89 -1.86
C ARG A 21 4.88 21.71 -2.82
N GLU A 22 3.61 21.38 -2.88
CA GLU A 22 2.63 22.17 -3.61
C GLU A 22 1.28 21.96 -2.94
N GLY A 23 0.78 22.99 -2.28
CA GLY A 23 -0.39 22.85 -1.43
C GLY A 23 -0.10 21.83 -0.35
N LYS A 24 -0.99 20.84 -0.21
CA LYS A 24 -0.79 19.77 0.76
C LYS A 24 0.11 18.65 0.21
N ALA A 25 0.38 18.68 -1.09
CA ALA A 25 1.15 17.60 -1.71
C ALA A 25 2.65 17.76 -1.42
N ARG A 26 3.33 16.63 -1.23
CA ARG A 26 4.76 16.63 -0.97
C ARG A 26 5.44 15.60 -1.85
N THR A 27 6.69 15.87 -2.19
CA THR A 27 7.52 14.86 -2.83
C THR A 27 8.88 14.82 -2.13
N GLY A 28 9.46 13.64 -2.00
CA GLY A 28 10.71 13.50 -1.31
C GLY A 28 11.20 12.07 -1.30
N THR A 29 11.94 11.70 -0.27
CA THR A 29 12.52 10.36 -0.19
C THR A 29 12.48 9.82 1.23
N ILE A 30 12.33 8.51 1.33
CA ILE A 30 12.58 7.81 2.58
C ILE A 30 13.85 6.99 2.39
N GLU A 31 14.87 7.28 3.18
CA GLU A 31 16.10 6.49 3.15
C GLU A 31 16.06 5.44 4.25
N MET A 32 16.31 4.19 3.87
CA MET A 32 16.39 3.07 4.80
C MET A 32 17.61 2.23 4.45
N LYS A 33 17.94 1.29 5.33
CA LYS A 33 19.14 0.49 5.12
C LYS A 33 19.13 -0.28 3.80
N ARG A 34 17.98 -0.80 3.39
CA ARG A 34 17.92 -1.63 2.18
CA ARG A 34 17.91 -1.62 2.18
C ARG A 34 17.67 -0.81 0.90
N GLY A 35 17.46 0.49 1.03
CA GLY A 35 17.27 1.32 -0.14
C GLY A 35 16.54 2.62 0.08
N VAL A 36 16.45 3.41 -1.00
CA VAL A 36 15.76 4.69 -0.97
C VAL A 36 14.39 4.54 -1.61
N ILE A 37 13.39 5.15 -0.98
CA ILE A 37 12.01 5.10 -1.47
C ILE A 37 11.59 6.50 -1.91
N ARG A 38 11.25 6.64 -3.19
CA ARG A 38 10.79 7.93 -3.72
C ARG A 38 9.31 8.13 -3.40
N THR A 39 8.97 9.29 -2.86
CA THR A 39 7.58 9.56 -2.49
C THR A 39 7.03 10.76 -3.26
N PRO A 40 5.73 10.74 -3.60
CA PRO A 40 4.75 9.68 -3.28
C PRO A 40 5.05 8.35 -3.95
N ALA A 41 4.84 7.26 -3.20
CA ALA A 41 5.23 5.92 -3.61
C ALA A 41 4.02 5.00 -3.79
N PHE A 42 4.08 4.14 -4.80
CA PHE A 42 3.14 3.04 -4.87
C PHE A 42 3.87 1.74 -4.59
N MET A 43 3.29 0.94 -3.69
CA MET A 43 3.88 -0.34 -3.30
C MET A 43 3.08 -1.49 -3.90
N PRO A 44 3.70 -2.21 -4.86
CA PRO A 44 3.07 -3.44 -5.37
C PRO A 44 2.87 -4.43 -4.22
N VAL A 45 1.79 -5.19 -4.28
CA VAL A 45 1.47 -6.10 -3.19
C VAL A 45 2.00 -7.50 -3.46
N GLY A 46 2.77 -8.02 -2.50
CA GLY A 46 3.23 -9.39 -2.54
C GLY A 46 2.38 -10.24 -1.62
N THR A 47 1.64 -11.17 -2.21
CA THR A 47 0.82 -12.08 -1.43
C THR A 47 1.47 -13.45 -1.51
N ALA A 48 1.62 -14.08 -0.34
CA ALA A 48 2.29 -15.38 -0.23
C ALA A 48 3.73 -15.32 -0.76
N ALA A 49 4.43 -14.25 -0.41
CA ALA A 49 5.84 -14.07 -0.77
C ALA A 49 6.11 -13.98 -2.26
N THR A 50 5.15 -13.43 -3.00
CA THR A 50 5.33 -13.17 -4.43
C THR A 50 4.40 -12.06 -4.91
N VAL A 51 4.93 -11.14 -5.71
CA VAL A 51 4.09 -10.19 -6.42
C VAL A 51 3.58 -10.98 -7.61
N LYS A 52 2.28 -11.22 -7.65
CA LYS A 52 1.74 -12.28 -8.52
C LYS A 52 2.15 -12.14 -9.97
N ALA A 53 2.69 -13.24 -10.51
CA ALA A 53 3.10 -13.37 -11.91
C ALA A 53 4.33 -12.59 -12.33
N LEU A 54 5.08 -12.06 -11.35
CA LEU A 54 6.29 -11.28 -11.65
C LEU A 54 7.51 -11.75 -10.86
N LYS A 55 8.64 -11.91 -11.54
CA LYS A 55 9.91 -12.05 -10.84
C LYS A 55 10.21 -10.71 -10.17
N PRO A 56 10.91 -10.73 -9.02
CA PRO A 56 11.29 -9.48 -8.36
C PRO A 56 12.05 -8.52 -9.28
N GLU A 57 12.88 -9.04 -10.19
CA GLU A 57 13.64 -8.15 -11.07
C GLU A 57 12.67 -7.40 -11.98
N THR A 58 11.56 -8.03 -12.35
CA THR A 58 10.56 -7.39 -13.17
C THR A 58 9.81 -6.33 -12.37
N VAL A 59 9.51 -6.63 -11.11
CA VAL A 59 8.89 -5.64 -10.23
C VAL A 59 9.79 -4.41 -10.15
N ARG A 60 11.08 -4.63 -9.95
CA ARG A 60 12.02 -3.51 -9.88
C ARG A 60 12.10 -2.75 -11.21
N ALA A 61 12.07 -3.48 -12.31
CA ALA A 61 12.14 -2.87 -13.64
C ALA A 61 11.00 -1.91 -13.90
N THR A 62 9.84 -2.14 -13.28
CA THR A 62 8.69 -1.24 -13.44
C THR A 62 8.90 0.09 -12.73
N GLY A 63 9.86 0.12 -11.80
CA GLY A 63 10.15 1.35 -11.06
C GLY A 63 9.87 1.28 -9.57
N ALA A 64 9.34 0.16 -9.10
CA ALA A 64 9.02 0.01 -7.67
C ALA A 64 10.27 0.09 -6.78
N ASP A 65 10.18 0.86 -5.70
CA ASP A 65 11.27 1.01 -4.73
C ASP A 65 11.05 0.13 -3.50
N ILE A 66 9.81 -0.32 -3.31
CA ILE A 66 9.40 -1.04 -2.11
C ILE A 66 8.15 -1.83 -2.47
N ILE A 67 8.01 -3.01 -1.86
CA ILE A 67 6.78 -3.79 -2.00
C ILE A 67 6.13 -3.99 -0.65
N LEU A 68 4.83 -4.28 -0.67
CA LEU A 68 4.11 -4.65 0.53
C LEU A 68 4.01 -6.16 0.60
N GLY A 69 4.42 -6.72 1.73
CA GLY A 69 4.27 -8.14 1.98
C GLY A 69 3.11 -8.40 2.90
N ASN A 70 2.08 -9.08 2.40
CA ASN A 70 0.99 -9.52 3.25
C ASN A 70 1.58 -10.57 4.17
N THR A 71 1.24 -10.49 5.46
CA THR A 71 1.72 -11.45 6.44
C THR A 71 0.74 -12.59 6.72
N TYR A 72 -0.53 -12.37 6.38
CA TYR A 72 -1.59 -13.33 6.74
C TYR A 72 -1.35 -14.73 6.19
N HIS A 73 -1.18 -14.86 4.88
CA HIS A 73 -0.96 -16.19 4.31
CA HIS A 73 -0.94 -16.18 4.29
C HIS A 73 0.38 -16.75 4.77
N LEU A 74 1.39 -15.88 4.84
CA LEU A 74 2.73 -16.31 5.22
C LEU A 74 2.82 -16.84 6.63
N MET A 75 2.05 -16.26 7.56
CA MET A 75 2.11 -16.74 8.94
C MET A 75 1.44 -18.11 9.06
N LEU A 76 0.62 -18.44 8.07
CA LEU A 76 -0.02 -19.76 8.01
C LEU A 76 0.90 -20.75 7.30
N ARG A 77 1.32 -20.39 6.10
CA ARG A 77 2.27 -21.20 5.33
C ARG A 77 3.15 -20.28 4.49
N PRO A 78 4.48 -20.45 4.57
CA PRO A 78 5.26 -21.47 5.29
C PRO A 78 5.32 -21.27 6.80
N GLY A 79 4.87 -20.11 7.30
CA GLY A 79 5.02 -19.79 8.70
C GLY A 79 6.15 -18.81 8.88
N ALA A 80 6.00 -17.88 9.82
CA ALA A 80 7.01 -16.85 10.03
C ALA A 80 8.31 -17.46 10.53
N GLU A 81 8.20 -18.42 11.44
CA GLU A 81 9.38 -19.09 11.98
C GLU A 81 10.17 -19.80 10.88
N ARG A 82 9.47 -20.47 9.97
CA ARG A 82 10.15 -21.18 8.89
C ARG A 82 10.87 -20.18 7.98
N ILE A 83 10.20 -19.09 7.63
CA ILE A 83 10.82 -18.08 6.79
C ILE A 83 12.07 -17.50 7.47
N ALA A 84 11.98 -17.28 8.77
CA ALA A 84 13.14 -16.81 9.53
C ALA A 84 14.30 -17.80 9.45
N LYS A 85 14.00 -19.08 9.61
CA LYS A 85 15.01 -20.12 9.53
C LYS A 85 15.68 -20.16 8.17
N LEU A 86 14.92 -19.81 7.13
CA LEU A 86 15.42 -19.84 5.76
C LEU A 86 16.16 -18.56 5.37
N GLY A 87 16.23 -17.61 6.29
CA GLY A 87 17.01 -16.40 6.06
C GLY A 87 16.20 -15.12 5.95
N GLY A 88 14.88 -15.23 6.10
CA GLY A 88 14.00 -14.07 6.03
C GLY A 88 13.34 -13.90 4.68
N LEU A 89 12.32 -13.04 4.64
CA LEU A 89 11.50 -12.87 3.45
C LEU A 89 12.29 -12.34 2.24
N HIS A 90 13.21 -11.41 2.47
CA HIS A 90 13.99 -10.83 1.37
C HIS A 90 14.76 -11.91 0.63
N SER A 91 15.48 -12.72 1.38
CA SER A 91 16.26 -13.82 0.80
C SER A 91 15.35 -14.86 0.16
N PHE A 92 14.27 -15.18 0.85
CA PHE A 92 13.32 -16.20 0.43
C PHE A 92 12.76 -15.90 -0.97
N MET A 93 12.24 -14.69 -1.16
CA MET A 93 11.59 -14.35 -2.42
C MET A 93 12.50 -13.67 -3.44
N GLY A 94 13.68 -13.25 -3.01
CA GLY A 94 14.65 -12.64 -3.91
C GLY A 94 14.41 -11.16 -4.19
N TRP A 95 13.90 -10.45 -3.20
CA TRP A 95 13.73 -9.00 -3.27
C TRP A 95 14.58 -8.37 -2.17
N ASP A 96 15.61 -7.61 -2.56
CA ASP A 96 16.58 -7.12 -1.59
C ASP A 96 16.37 -5.67 -1.14
N ARG A 97 15.31 -5.05 -1.65
CA ARG A 97 14.97 -3.66 -1.32
C ARG A 97 13.97 -3.63 -0.16
N PRO A 98 13.55 -2.42 0.29
CA PRO A 98 12.64 -2.42 1.44
C PRO A 98 11.33 -3.18 1.21
N ILE A 99 10.84 -3.77 2.30
CA ILE A 99 9.52 -4.40 2.32
C ILE A 99 8.73 -3.82 3.49
N LEU A 100 7.53 -3.35 3.21
CA LEU A 100 6.59 -2.98 4.26
C LEU A 100 5.68 -4.18 4.48
N THR A 101 5.57 -4.64 5.73
CA THR A 101 4.64 -5.71 6.05
C THR A 101 3.43 -5.19 6.77
N ASP A 102 2.25 -5.73 6.43
CA ASP A 102 1.05 -5.42 7.20
C ASP A 102 1.03 -6.25 8.48
N SER A 103 0.06 -5.98 9.35
CA SER A 103 0.06 -6.62 10.67
C SER A 103 -0.53 -8.02 10.63
N GLY A 104 -1.30 -8.29 9.58
CA GLY A 104 -1.96 -9.58 9.43
C GLY A 104 -3.38 -9.58 9.94
N GLY A 105 -3.73 -8.58 10.75
CA GLY A 105 -5.04 -8.54 11.38
C GLY A 105 -6.17 -8.19 10.42
N TYR A 106 -5.88 -7.36 9.42
CA TYR A 106 -6.90 -6.94 8.48
C TYR A 106 -7.47 -8.11 7.69
N GLN A 107 -6.58 -8.95 7.18
CA GLN A 107 -7.00 -10.10 6.36
C GLN A 107 -7.53 -11.24 7.22
N VAL A 108 -7.17 -11.26 8.50
CA VAL A 108 -7.75 -12.21 9.44
C VAL A 108 -9.24 -11.99 9.50
N MET A 109 -9.64 -10.72 9.63
CA MET A 109 -11.05 -10.37 9.67
C MET A 109 -11.71 -10.59 8.31
N SER A 110 -10.91 -10.55 7.25
CA SER A 110 -11.45 -10.66 5.90
C SER A 110 -11.52 -12.10 5.39
N LEU A 111 -10.52 -12.91 5.71
CA LEU A 111 -10.38 -14.22 5.08
C LEU A 111 -10.60 -15.42 6.02
N SER A 112 -10.51 -15.18 7.32
CA SER A 112 -10.66 -16.26 8.29
C SER A 112 -12.10 -16.48 8.71
N SER A 113 -12.35 -17.62 9.36
CA SER A 113 -13.68 -17.95 9.87
C SER A 113 -13.62 -18.18 11.38
N LEU A 114 -14.76 -18.07 12.03
CA LEU A 114 -14.88 -18.27 13.48
C LEU A 114 -13.90 -17.39 14.27
N THR A 115 -13.77 -16.14 13.84
CA THR A 115 -12.89 -15.19 14.54
C THR A 115 -13.49 -14.75 15.86
N LYS A 116 -12.64 -14.60 16.87
CA LYS A 116 -13.08 -14.14 18.17
C LYS A 116 -12.18 -13.00 18.63
N GLN A 117 -12.77 -11.83 18.87
CA GLN A 117 -11.99 -10.67 19.25
C GLN A 117 -12.00 -10.43 20.75
N SER A 118 -10.91 -9.87 21.25
CA SER A 118 -10.81 -9.48 22.65
C SER A 118 -9.76 -8.40 22.77
N GLU A 119 -9.60 -7.85 23.97
CA GLU A 119 -8.61 -6.83 24.23
C GLU A 119 -7.20 -7.37 23.99
N GLU A 120 -7.03 -8.68 24.15
CA GLU A 120 -5.73 -9.31 23.98
C GLU A 120 -5.33 -9.38 22.50
N GLY A 121 -6.32 -9.59 21.64
CA GLY A 121 -6.08 -9.71 20.21
C GLY A 121 -7.20 -10.46 19.52
N VAL A 122 -6.89 -11.11 18.41
CA VAL A 122 -7.89 -11.86 17.67
CA VAL A 122 -7.88 -11.85 17.65
C VAL A 122 -7.53 -13.33 17.56
N THR A 123 -8.52 -14.19 17.83
CA THR A 123 -8.36 -15.62 17.68
C THR A 123 -9.12 -16.03 16.43
N PHE A 124 -8.53 -16.88 15.60
CA PHE A 124 -9.15 -17.23 14.33
C PHE A 124 -8.82 -18.65 13.87
N LYS A 125 -9.66 -19.18 12.99
CA LYS A 125 -9.41 -20.47 12.37
C LYS A 125 -8.89 -20.24 10.96
N SER A 126 -7.80 -20.91 10.62
CA SER A 126 -7.19 -20.77 9.30
C SER A 126 -8.11 -21.22 8.18
N HIS A 127 -8.16 -20.43 7.11
CA HIS A 127 -9.00 -20.74 5.96
C HIS A 127 -8.34 -21.76 5.04
N MET A 134 -4.42 -17.26 17.87
CA MET A 134 -4.43 -15.95 18.51
C MET A 134 -3.40 -15.00 17.90
N LEU A 135 -3.88 -13.91 17.33
CA LEU A 135 -3.00 -12.87 16.81
C LEU A 135 -3.14 -11.62 17.69
N SER A 136 -2.08 -11.30 18.42
CA SER A 136 -2.06 -10.14 19.30
C SER A 136 -1.11 -9.09 18.72
N PRO A 137 -1.13 -7.86 19.25
CA PRO A 137 -0.13 -6.87 18.83
C PRO A 137 1.30 -7.39 18.99
N GLU A 138 1.60 -8.03 20.11
CA GLU A 138 2.93 -8.57 20.36
C GLU A 138 3.32 -9.64 19.33
N ARG A 139 2.41 -10.56 19.07
CA ARG A 139 2.67 -11.63 18.11
C ARG A 139 2.83 -11.09 16.69
N SER A 140 2.02 -10.09 16.35
CA SER A 140 2.09 -9.47 15.02
C SER A 140 3.46 -8.84 14.79
N ILE A 141 3.94 -8.08 15.77
CA ILE A 141 5.24 -7.44 15.67
C ILE A 141 6.33 -8.50 15.58
N GLU A 142 6.19 -9.58 16.34
CA GLU A 142 7.16 -10.68 16.29
C GLU A 142 7.19 -11.34 14.92
N ILE A 143 6.02 -11.60 14.35
CA ILE A 143 5.93 -12.20 13.03
C ILE A 143 6.61 -11.31 11.99
N GLN A 144 6.33 -10.01 12.05
CA GLN A 144 6.93 -9.07 11.09
C GLN A 144 8.45 -9.04 11.27
N HIS A 145 8.91 -9.17 12.51
CA HIS A 145 10.34 -9.30 12.78
C HIS A 145 10.95 -10.56 12.15
N LEU A 146 10.28 -11.69 12.36
CA LEU A 146 10.74 -12.97 11.83
C LEU A 146 10.82 -12.94 10.29
N LEU A 147 9.90 -12.23 9.66
CA LEU A 147 9.95 -12.05 8.22
C LEU A 147 11.10 -11.13 7.79
N GLY A 148 11.56 -10.28 8.70
CA GLY A 148 12.63 -9.34 8.40
C GLY A 148 12.14 -8.07 7.73
N SER A 149 10.93 -7.66 8.10
CA SER A 149 10.28 -6.46 7.59
C SER A 149 11.13 -5.20 7.80
N ASP A 150 11.11 -4.30 6.81
CA ASP A 150 11.76 -3.00 6.97
C ASP A 150 10.83 -1.96 7.57
N ILE A 151 9.58 -1.93 7.10
CA ILE A 151 8.57 -1.08 7.71
C ILE A 151 7.49 -1.95 8.30
N VAL A 152 7.34 -1.85 9.62
CA VAL A 152 6.42 -2.68 10.39
C VAL A 152 5.17 -1.87 10.69
N MET A 153 3.99 -2.46 10.46
CA MET A 153 2.73 -1.81 10.80
C MET A 153 2.25 -2.21 12.18
N ALA A 154 1.88 -1.21 12.98
CA ALA A 154 1.20 -1.49 14.24
C ALA A 154 -0.04 -2.34 14.01
N PHE A 155 -0.35 -3.20 14.97
CA PHE A 155 -1.53 -4.05 14.90
C PHE A 155 -2.72 -3.22 15.36
N ASP A 156 -3.73 -3.13 14.50
CA ASP A 156 -4.89 -2.29 14.78
C ASP A 156 -6.19 -3.02 14.50
N GLU A 157 -7.28 -2.27 14.50
CA GLU A 157 -8.57 -2.78 14.11
C GLU A 157 -9.21 -1.81 13.11
N CYS A 158 -9.47 -2.30 11.91
CA CYS A 158 -10.15 -1.50 10.90
C CYS A 158 -11.66 -1.50 11.15
N THR A 159 -12.17 -0.36 11.58
CA THR A 159 -13.58 -0.21 11.89
C THR A 159 -14.41 -0.36 10.62
N PRO A 160 -15.40 -1.26 10.63
CA PRO A 160 -16.24 -1.43 9.44
C PRO A 160 -17.07 -0.18 9.14
N TYR A 161 -17.43 0.00 7.87
CA TYR A 161 -18.24 1.14 7.45
C TYR A 161 -19.61 0.67 6.96
N PRO A 162 -20.68 1.34 7.40
CA PRO A 162 -20.66 2.49 8.32
C PRO A 162 -20.55 2.07 9.78
N ALA A 163 -20.11 3.00 10.62
CA ALA A 163 -20.00 2.73 12.05
C ALA A 163 -20.69 3.84 12.83
N THR A 164 -21.38 3.48 13.91
CA THR A 164 -21.93 4.47 14.80
C THR A 164 -20.79 5.19 15.51
N PRO A 165 -21.03 6.44 15.96
CA PRO A 165 -20.00 7.16 16.72
C PRO A 165 -19.50 6.37 17.93
N SER A 166 -20.40 5.71 18.66
CA SER A 166 -19.99 4.94 19.82
CA SER A 166 -19.99 4.93 19.82
C SER A 166 -19.05 3.79 19.44
N ARG A 167 -19.42 3.04 18.41
CA ARG A 167 -18.63 1.90 17.99
C ARG A 167 -17.30 2.33 17.36
N ALA A 168 -17.33 3.41 16.60
CA ALA A 168 -16.10 3.96 16.03
C ALA A 168 -15.16 4.41 17.14
N ALA A 169 -15.71 5.00 18.19
CA ALA A 169 -14.91 5.46 19.32
C ALA A 169 -14.27 4.29 20.05
N SER A 170 -15.08 3.28 20.38
CA SER A 170 -14.57 2.10 21.08
C SER A 170 -13.49 1.39 20.28
N SER A 171 -13.72 1.27 18.98
CA SER A 171 -12.78 0.62 18.09
C SER A 171 -11.47 1.40 18.02
N MET A 172 -11.58 2.72 17.85
CA MET A 172 -10.41 3.58 17.79
C MET A 172 -9.61 3.51 19.09
N GLU A 173 -10.31 3.54 20.22
CA GLU A 173 -9.64 3.51 21.51
C GLU A 173 -8.85 2.23 21.71
N ARG A 174 -9.43 1.11 21.31
CA ARG A 174 -8.74 -0.16 21.36
C ARG A 174 -7.51 -0.12 20.45
N SER A 175 -7.68 0.42 19.24
CA SER A 175 -6.56 0.52 18.31
C SER A 175 -5.41 1.34 18.89
N MET A 176 -5.74 2.39 19.65
CA MET A 176 -4.67 3.21 20.23
C MET A 176 -3.96 2.48 21.37
N ARG A 177 -4.71 1.69 22.13
CA ARG A 177 -4.09 0.82 23.13
C ARG A 177 -3.18 -0.20 22.47
N TRP A 178 -3.66 -0.78 21.36
CA TRP A 178 -2.86 -1.73 20.59
C TRP A 178 -1.64 -1.07 19.94
N ALA A 179 -1.76 0.22 19.62
CA ALA A 179 -0.63 0.95 19.03
C ALA A 179 0.50 1.10 20.03
N LYS A 180 0.15 1.40 21.27
CA LYS A 180 1.14 1.50 22.34
C LYS A 180 1.80 0.14 22.58
N ARG A 181 0.99 -0.91 22.61
CA ARG A 181 1.54 -2.26 22.75
C ARG A 181 2.46 -2.63 21.58
N SER A 182 2.11 -2.20 20.38
CA SER A 182 2.94 -2.45 19.20
C SER A 182 4.27 -1.74 19.31
N ARG A 183 4.22 -0.48 19.74
CA ARG A 183 5.41 0.34 19.97
C ARG A 183 6.36 -0.33 20.96
N ASP A 184 5.81 -0.76 22.09
CA ASP A 184 6.63 -1.37 23.13
C ASP A 184 7.26 -2.69 22.69
N ALA A 185 6.48 -3.51 21.98
CA ALA A 185 6.98 -4.79 21.46
C ALA A 185 8.13 -4.56 20.49
N PHE A 186 7.94 -3.62 19.58
CA PHE A 186 8.95 -3.25 18.60
C PHE A 186 10.23 -2.78 19.29
N ASP A 187 10.08 -1.88 20.27
CA ASP A 187 11.24 -1.32 20.96
C ASP A 187 11.99 -2.31 21.84
N SER A 188 11.29 -3.36 22.29
CA SER A 188 11.87 -4.36 23.18
CA SER A 188 11.90 -4.34 23.18
C SER A 188 12.81 -5.31 22.45
N ARG A 189 12.76 -5.27 21.12
CA ARG A 189 13.58 -6.15 20.30
C ARG A 189 14.67 -5.34 19.62
N LYS A 190 15.89 -5.41 20.17
CA LYS A 190 16.99 -4.55 19.75
C LYS A 190 17.25 -4.55 18.25
N GLU A 191 17.33 -5.73 17.66
CA GLU A 191 17.63 -5.86 16.24
C GLU A 191 16.56 -5.19 15.38
N GLN A 192 15.30 -5.37 15.76
CA GLN A 192 14.19 -4.77 15.04
C GLN A 192 14.19 -3.25 15.19
N ALA A 193 14.31 -2.77 16.42
CA ALA A 193 14.29 -1.34 16.70
C ALA A 193 15.42 -0.58 16.00
N GLU A 194 16.56 -1.25 15.81
CA GLU A 194 17.72 -0.62 15.20
C GLU A 194 17.73 -0.65 13.67
N ASN A 195 16.99 -1.57 13.08
CA ASN A 195 17.08 -1.77 11.64
C ASN A 195 15.79 -1.54 10.87
N ALA A 196 14.66 -1.56 11.57
CA ALA A 196 13.37 -1.37 10.94
C ALA A 196 12.71 -0.08 11.41
N ALA A 197 11.58 0.26 10.77
CA ALA A 197 10.75 1.39 11.17
C ALA A 197 9.36 0.91 11.55
N LEU A 198 8.66 1.71 12.33
CA LEU A 198 7.32 1.36 12.79
C LEU A 198 6.32 2.46 12.46
N PHE A 199 5.23 2.10 11.79
CA PHE A 199 4.17 3.05 11.46
C PHE A 199 2.95 2.81 12.35
N GLY A 200 2.33 3.89 12.81
CA GLY A 200 1.06 3.81 13.53
C GLY A 200 -0.08 4.04 12.57
N ILE A 201 -1.28 3.60 12.96
CA ILE A 201 -2.44 3.72 12.09
C ILE A 201 -3.58 4.50 12.75
N GLN A 202 -3.97 5.61 12.12
CA GLN A 202 -5.05 6.43 12.61
C GLN A 202 -6.40 5.78 12.31
N GLN A 203 -7.30 5.79 13.29
CA GLN A 203 -8.66 5.32 13.10
C GLN A 203 -9.66 6.42 13.46
N GLY A 204 -10.92 6.07 13.63
CA GLY A 204 -11.93 7.07 13.94
C GLY A 204 -13.04 7.18 12.91
N SER A 205 -13.06 6.25 11.95
CA SER A 205 -14.11 6.22 10.94
C SER A 205 -14.17 7.56 10.19
N VAL A 206 -15.37 8.11 10.04
CA VAL A 206 -15.54 9.36 9.29
C VAL A 206 -15.71 10.56 10.21
N PHE A 207 -15.45 10.36 11.49
CA PHE A 207 -15.73 11.37 12.50
C PHE A 207 -14.50 12.20 12.86
N GLU A 208 -14.60 13.50 12.64
CA GLU A 208 -13.47 14.42 12.82
C GLU A 208 -12.90 14.39 14.23
N ASN A 209 -13.75 14.44 15.24
CA ASN A 209 -13.26 14.43 16.62
C ASN A 209 -12.50 13.16 16.99
N LEU A 210 -12.96 12.01 16.50
CA LEU A 210 -12.29 10.74 16.77
C LEU A 210 -10.97 10.66 16.02
N ARG A 211 -10.95 11.18 14.79
CA ARG A 211 -9.71 11.23 14.01
C ARG A 211 -8.66 12.07 14.73
N GLN A 212 -9.10 13.17 15.32
CA GLN A 212 -8.21 14.04 16.08
C GLN A 212 -7.66 13.35 17.32
N GLN A 213 -8.53 12.68 18.07
CA GLN A 213 -8.09 11.96 19.25
C GLN A 213 -7.09 10.87 18.87
N SER A 214 -7.35 10.20 17.76
CA SER A 214 -6.47 9.13 17.30
C SER A 214 -5.09 9.69 16.89
N ALA A 215 -5.09 10.78 16.14
CA ALA A 215 -3.83 11.41 15.74
C ALA A 215 -3.02 11.86 16.96
N ASP A 216 -3.69 12.46 17.94
CA ASP A 216 -3.04 12.90 19.16
C ASP A 216 -2.41 11.73 19.91
N ALA A 217 -3.15 10.63 20.02
CA ALA A 217 -2.65 9.44 20.70
C ALA A 217 -1.42 8.87 20.00
N LEU A 218 -1.47 8.79 18.68
CA LEU A 218 -0.36 8.24 17.91
C LEU A 218 0.88 9.12 18.00
N ALA A 219 0.69 10.44 17.92
CA ALA A 219 1.82 11.36 17.98
C ALA A 219 2.46 11.34 19.36
N GLU A 220 1.65 11.15 20.40
CA GLU A 220 2.17 11.06 21.75
C GLU A 220 3.04 9.83 21.93
N ILE A 221 2.59 8.70 21.36
CA ILE A 221 3.37 7.48 21.39
C ILE A 221 4.64 7.66 20.55
N GLY A 222 4.47 8.22 19.36
CA GLY A 222 5.59 8.46 18.45
C GLY A 222 5.85 7.31 17.51
N PHE A 223 5.76 7.59 16.21
CA PHE A 223 6.03 6.59 15.17
C PHE A 223 6.91 7.18 14.07
N ASP A 224 7.47 6.32 13.23
CA ASP A 224 8.31 6.77 12.12
C ASP A 224 7.45 7.25 10.95
N GLY A 225 6.22 6.77 10.90
CA GLY A 225 5.30 7.15 9.85
C GLY A 225 3.87 6.92 10.34
N TYR A 226 2.91 7.51 9.65
CA TYR A 226 1.53 7.45 10.10
C TYR A 226 0.60 7.07 8.96
N ALA A 227 -0.15 5.99 9.15
CA ALA A 227 -1.12 5.57 8.17
C ALA A 227 -2.50 6.12 8.49
N VAL A 228 -3.28 6.38 7.44
CA VAL A 228 -4.68 6.67 7.61
C VAL A 228 -5.43 5.36 7.38
N GLY A 229 -5.95 4.79 8.45
CA GLY A 229 -6.71 3.55 8.37
C GLY A 229 -8.19 3.81 8.28
N GLY A 230 -8.96 2.73 8.14
CA GLY A 230 -10.40 2.82 8.21
C GLY A 230 -11.08 3.41 6.99
N LEU A 231 -10.31 3.62 5.93
CA LEU A 231 -10.86 4.14 4.67
C LEU A 231 -10.75 3.10 3.57
N ALA A 232 -11.31 3.42 2.41
CA ALA A 232 -11.41 2.47 1.30
C ALA A 232 -12.07 1.19 1.76
N VAL A 233 -13.14 1.34 2.53
CA VAL A 233 -13.89 0.20 3.05
C VAL A 233 -15.37 0.28 2.72
N GLY A 234 -15.70 1.01 1.66
CA GLY A 234 -17.06 1.07 1.16
C GLY A 234 -17.69 2.46 1.17
N GLU A 235 -16.94 3.45 1.65
CA GLU A 235 -17.50 4.79 1.81
C GLU A 235 -17.61 5.58 0.50
N GLY A 236 -16.84 5.20 -0.51
CA GLY A 236 -16.85 5.92 -1.77
C GLY A 236 -15.88 7.07 -1.77
N GLN A 237 -15.49 7.53 -2.96
CA GLN A 237 -14.43 8.51 -3.10
C GLN A 237 -14.74 9.87 -2.46
N ASP A 238 -15.97 10.36 -2.64
CA ASP A 238 -16.36 11.65 -2.10
C ASP A 238 -16.17 11.67 -0.58
N GLU A 239 -16.69 10.66 0.10
CA GLU A 239 -16.57 10.59 1.54
C GLU A 239 -15.12 10.38 1.98
N MET A 240 -14.41 9.53 1.25
CA MET A 240 -13.00 9.30 1.55
C MET A 240 -12.19 10.58 1.48
N PHE A 241 -12.42 11.37 0.42
CA PHE A 241 -11.73 12.64 0.24
C PHE A 241 -12.10 13.62 1.34
N ARG A 242 -13.38 13.64 1.71
CA ARG A 242 -13.85 14.53 2.76
C ARG A 242 -13.15 14.22 4.09
N VAL A 243 -13.01 12.93 4.40
CA VAL A 243 -12.32 12.53 5.63
C VAL A 243 -10.83 12.85 5.54
N LEU A 244 -10.21 12.59 4.40
CA LEU A 244 -8.80 12.94 4.23
C LEU A 244 -8.56 14.43 4.42
N ASP A 245 -9.51 15.25 3.97
CA ASP A 245 -9.39 16.71 4.05
C ASP A 245 -9.04 17.19 5.46
N PHE A 246 -9.71 16.63 6.47
CA PHE A 246 -9.42 17.02 7.85
C PHE A 246 -8.45 16.08 8.58
N SER A 247 -8.35 14.83 8.11
CA SER A 247 -7.58 13.82 8.85
C SER A 247 -6.07 13.94 8.65
N VAL A 248 -5.65 14.14 7.41
CA VAL A 248 -4.22 14.18 7.12
C VAL A 248 -3.47 15.33 7.82
N PRO A 249 -4.05 16.54 7.85
CA PRO A 249 -3.35 17.62 8.56
C PRO A 249 -3.19 17.39 10.06
N MET A 250 -3.91 16.42 10.62
CA MET A 250 -3.78 16.10 12.03
C MET A 250 -2.51 15.32 12.34
N LEU A 251 -1.96 14.67 11.32
CA LEU A 251 -0.78 13.84 11.48
C LEU A 251 0.46 14.72 11.45
N PRO A 252 1.56 14.26 12.08
CA PRO A 252 2.81 15.01 12.01
C PRO A 252 3.23 15.25 10.56
N ASP A 253 3.53 16.50 10.26
CA ASP A 253 3.87 16.90 8.90
C ASP A 253 5.19 16.28 8.44
N ASP A 254 6.13 16.11 9.36
CA ASP A 254 7.49 15.72 9.00
C ASP A 254 7.69 14.21 8.86
N LYS A 255 6.59 13.46 8.87
CA LYS A 255 6.65 12.01 8.73
C LYS A 255 5.78 11.57 7.56
N PRO A 256 6.09 10.41 6.96
CA PRO A 256 5.30 9.93 5.84
C PRO A 256 3.85 9.61 6.22
N HIS A 257 2.95 9.83 5.27
CA HIS A 257 1.52 9.54 5.43
C HIS A 257 1.12 8.45 4.45
N TYR A 258 0.59 7.36 4.99
CA TYR A 258 0.31 6.15 4.21
C TYR A 258 -1.20 5.86 4.19
N LEU A 259 -1.79 5.89 3.01
CA LEU A 259 -3.22 5.57 2.88
C LEU A 259 -3.40 4.11 2.48
N MET A 260 -3.84 3.30 3.45
CA MET A 260 -3.87 1.85 3.29
C MET A 260 -4.96 1.39 2.34
N GLY A 261 -4.58 0.57 1.35
CA GLY A 261 -5.55 -0.07 0.48
C GLY A 261 -6.03 0.78 -0.70
N VAL A 262 -5.39 1.92 -0.92
CA VAL A 262 -5.77 2.81 -2.01
C VAL A 262 -4.63 2.85 -3.03
N GLY A 263 -4.93 2.71 -4.32
CA GLY A 263 -6.27 2.50 -4.84
C GLY A 263 -6.29 2.76 -6.34
N LYS A 264 -7.45 3.12 -6.88
CA LYS A 264 -7.59 3.50 -8.28
C LYS A 264 -6.74 4.72 -8.57
N PRO A 265 -6.27 4.88 -9.83
CA PRO A 265 -5.43 6.01 -10.21
C PRO A 265 -5.99 7.38 -9.78
N ASP A 266 -7.28 7.61 -9.99
CA ASP A 266 -7.89 8.87 -9.59
CA ASP A 266 -7.88 8.88 -9.59
C ASP A 266 -7.90 9.05 -8.07
N ASP A 267 -8.04 7.94 -7.35
CA ASP A 267 -8.01 7.99 -5.88
C ASP A 267 -6.63 8.41 -5.40
N ILE A 268 -5.60 7.87 -6.05
CA ILE A 268 -4.21 8.19 -5.69
C ILE A 268 -3.92 9.67 -5.92
N VAL A 269 -4.32 10.18 -7.08
CA VAL A 269 -4.07 11.58 -7.39
C VAL A 269 -4.73 12.50 -6.37
N GLY A 270 -6.01 12.23 -6.06
CA GLY A 270 -6.74 13.03 -5.10
C GLY A 270 -6.17 12.94 -3.71
N ALA A 271 -5.71 11.75 -3.34
CA ALA A 271 -5.09 11.54 -2.03
C ALA A 271 -3.76 12.28 -1.90
N VAL A 272 -2.97 12.32 -2.96
CA VAL A 272 -1.72 13.08 -2.95
C VAL A 272 -2.01 14.58 -2.78
N GLU A 273 -3.07 15.05 -3.45
CA GLU A 273 -3.52 16.43 -3.30
C GLU A 273 -3.87 16.76 -1.85
N ARG A 274 -4.13 15.72 -1.06
CA ARG A 274 -4.53 15.89 0.33
C ARG A 274 -3.44 15.49 1.33
N GLY A 275 -2.25 15.21 0.82
CA GLY A 275 -1.08 15.02 1.66
C GLY A 275 -0.61 13.60 1.91
N ILE A 276 -1.10 12.65 1.12
CA ILE A 276 -0.67 11.25 1.26
C ILE A 276 0.62 11.00 0.48
N ASP A 277 1.53 10.22 1.08
CA ASP A 277 2.85 9.93 0.52
C ASP A 277 3.03 8.48 0.05
N MET A 278 2.18 7.57 0.52
CA MET A 278 2.38 6.15 0.24
C MET A 278 1.05 5.44 -0.01
N PHE A 279 1.09 4.48 -0.94
CA PHE A 279 -0.10 3.77 -1.39
C PHE A 279 0.20 2.30 -1.62
N ASP A 280 -0.83 1.47 -1.50
CA ASP A 280 -0.77 0.07 -1.92
C ASP A 280 -2.16 -0.36 -2.32
N CYS A 281 -2.24 -1.29 -3.27
CA CYS A 281 -3.51 -1.89 -3.68
CA CYS A 281 -3.50 -1.96 -3.57
C CYS A 281 -3.26 -3.14 -4.50
N VAL A 282 -4.20 -4.08 -4.47
CA VAL A 282 -4.07 -5.28 -5.29
C VAL A 282 -4.66 -5.03 -6.67
N LEU A 283 -5.36 -3.92 -6.82
CA LEU A 283 -6.01 -3.56 -8.09
C LEU A 283 -5.17 -3.78 -9.36
N PRO A 284 -3.94 -3.24 -9.42
CA PRO A 284 -3.19 -3.45 -10.68
C PRO A 284 -2.82 -4.91 -10.92
N THR A 285 -2.54 -5.65 -9.85
CA THR A 285 -2.20 -7.06 -9.97
C THR A 285 -3.45 -7.93 -10.18
N ARG A 286 -4.40 -7.82 -9.27
CA ARG A 286 -5.62 -8.62 -9.32
C ARG A 286 -6.48 -8.37 -10.56
N SER A 287 -6.77 -7.10 -10.84
CA SER A 287 -7.62 -6.77 -11.99
C SER A 287 -6.88 -7.00 -13.30
N GLY A 288 -5.55 -6.96 -13.25
CA GLY A 288 -4.73 -7.28 -14.41
C GLY A 288 -4.96 -8.71 -14.86
N ARG A 289 -4.90 -9.65 -13.91
CA ARG A 289 -5.14 -11.05 -14.23
C ARG A 289 -6.57 -11.29 -14.72
N ASN A 290 -7.47 -10.38 -14.36
CA ASN A 290 -8.87 -10.49 -14.75
C ASN A 290 -9.16 -9.87 -16.13
N GLY A 291 -8.23 -9.05 -16.60
CA GLY A 291 -8.35 -8.48 -17.94
C GLY A 291 -8.36 -6.96 -18.01
N GLN A 292 -8.41 -6.30 -16.85
CA GLN A 292 -8.43 -4.84 -16.84
C GLN A 292 -7.03 -4.26 -16.99
N ALA A 293 -6.84 -3.43 -18.01
CA ALA A 293 -5.56 -2.75 -18.24
C ALA A 293 -5.74 -1.25 -18.08
N PHE A 294 -4.82 -0.62 -17.36
CA PHE A 294 -4.87 0.83 -17.19
C PHE A 294 -4.21 1.56 -18.35
N THR A 295 -4.86 2.61 -18.82
CA THR A 295 -4.31 3.47 -19.87
C THR A 295 -4.53 4.92 -19.47
N TRP A 296 -3.84 5.84 -20.14
CA TRP A 296 -4.01 7.26 -19.82
C TRP A 296 -5.38 7.77 -20.26
N ASP A 297 -6.07 6.98 -21.07
CA ASP A 297 -7.41 7.33 -21.51
C ASP A 297 -8.45 6.54 -20.74
N GLY A 298 -8.05 6.03 -19.58
CA GLY A 298 -8.94 5.26 -18.74
C GLY A 298 -8.72 3.77 -18.88
N PRO A 299 -9.31 2.97 -17.98
CA PRO A 299 -9.13 1.52 -18.03
C PRO A 299 -9.86 0.88 -19.20
N ILE A 300 -9.31 -0.23 -19.70
CA ILE A 300 -9.99 -1.02 -20.72
C ILE A 300 -10.00 -2.46 -20.27
N ASN A 301 -10.97 -3.22 -20.75
CA ASN A 301 -10.94 -4.66 -20.50
C ASN A 301 -10.52 -5.39 -21.76
N ILE A 302 -9.31 -5.95 -21.71
CA ILE A 302 -8.68 -6.54 -22.88
C ILE A 302 -9.44 -7.74 -23.43
N ARG A 303 -10.34 -8.32 -22.64
CA ARG A 303 -11.15 -9.45 -23.09
CA ARG A 303 -11.16 -9.45 -23.08
C ARG A 303 -12.17 -9.02 -24.14
N ASN A 304 -12.48 -7.72 -24.19
CA ASN A 304 -13.51 -7.24 -25.10
C ASN A 304 -13.15 -7.56 -26.55
N ALA A 305 -14.14 -8.05 -27.30
CA ALA A 305 -13.95 -8.47 -28.69
C ALA A 305 -13.37 -7.37 -29.59
N ARG A 306 -13.55 -6.11 -29.21
CA ARG A 306 -13.04 -5.01 -30.02
C ARG A 306 -11.52 -4.96 -30.07
N PHE A 307 -10.86 -5.71 -29.20
CA PHE A 307 -9.40 -5.73 -29.17
C PHE A 307 -8.80 -6.92 -29.91
N SER A 308 -9.66 -7.77 -30.48
CA SER A 308 -9.21 -9.03 -31.07
C SER A 308 -8.23 -8.86 -32.23
N GLU A 309 -8.31 -7.72 -32.93
CA GLU A 309 -7.41 -7.46 -34.06
C GLU A 309 -6.71 -6.11 -33.94
N ASP A 310 -6.64 -5.61 -32.70
CA ASP A 310 -6.02 -4.32 -32.40
C ASP A 310 -4.51 -4.50 -32.22
N LEU A 311 -3.73 -3.96 -33.14
CA LEU A 311 -2.27 -4.14 -33.11
C LEU A 311 -1.54 -3.12 -32.23
N LYS A 312 -2.27 -2.13 -31.71
CA LYS A 312 -1.69 -1.13 -30.84
C LYS A 312 -1.30 -1.76 -29.50
N PRO A 313 -0.32 -1.18 -28.81
CA PRO A 313 0.00 -1.64 -27.45
C PRO A 313 -1.14 -1.31 -26.48
N LEU A 314 -1.10 -1.88 -25.28
CA LEU A 314 -2.12 -1.59 -24.26
C LEU A 314 -2.34 -0.09 -24.09
N ASP A 315 -1.25 0.67 -23.97
CA ASP A 315 -1.32 2.13 -23.91
C ASP A 315 -0.30 2.75 -24.86
N SER A 316 -0.71 3.83 -25.53
CA SER A 316 0.09 4.45 -26.59
C SER A 316 1.37 5.16 -26.13
N GLU A 317 1.44 5.49 -24.84
CA GLU A 317 2.56 6.27 -24.33
C GLU A 317 3.40 5.49 -23.32
N CYS A 318 2.82 4.41 -22.79
CA CYS A 318 3.48 3.59 -21.78
C CYS A 318 4.86 3.11 -22.22
N HIS A 319 5.83 3.22 -21.32
CA HIS A 319 7.21 2.85 -21.63
C HIS A 319 7.55 1.43 -21.23
N CYS A 320 6.58 0.68 -20.73
CA CYS A 320 6.88 -0.65 -20.19
C CYS A 320 7.25 -1.64 -21.29
N ALA A 321 7.91 -2.72 -20.90
CA ALA A 321 8.39 -3.71 -21.87
C ALA A 321 7.24 -4.38 -22.63
N VAL A 322 6.10 -4.51 -21.97
CA VAL A 322 4.94 -5.16 -22.60
C VAL A 322 4.44 -4.32 -23.77
N CYS A 323 4.38 -3.01 -23.56
CA CYS A 323 3.88 -2.11 -24.61
C CYS A 323 4.89 -1.90 -25.74
N GLN A 324 6.15 -2.24 -25.48
CA GLN A 324 7.16 -2.17 -26.53
C GLN A 324 7.11 -3.38 -27.44
N LYS A 325 6.59 -4.50 -26.95
CA LYS A 325 6.76 -5.78 -27.64
C LYS A 325 5.48 -6.46 -28.13
N TRP A 326 4.38 -6.32 -27.40
CA TRP A 326 3.16 -7.07 -27.71
C TRP A 326 1.94 -6.19 -27.94
N SER A 327 1.04 -6.70 -28.77
CA SER A 327 -0.18 -5.98 -29.15
C SER A 327 -1.34 -6.31 -28.21
N ARG A 328 -2.33 -5.43 -28.19
CA ARG A 328 -3.61 -5.71 -27.57
C ARG A 328 -4.20 -7.02 -28.05
N ALA A 329 -4.12 -7.27 -29.36
CA ALA A 329 -4.67 -8.48 -29.96
C ALA A 329 -4.08 -9.74 -29.33
N TYR A 330 -2.77 -9.73 -29.11
CA TYR A 330 -2.11 -10.91 -28.54
C TYR A 330 -2.51 -11.09 -27.07
N ILE A 331 -2.52 -10.00 -26.32
CA ILE A 331 -2.84 -10.09 -24.91
C ILE A 331 -4.32 -10.47 -24.72
N HIS A 332 -5.19 -9.93 -25.58
CA HIS A 332 -6.59 -10.34 -25.66
C HIS A 332 -6.69 -11.87 -25.82
N HIS A 333 -5.96 -12.41 -26.78
CA HIS A 333 -5.95 -13.85 -27.00
C HIS A 333 -5.48 -14.62 -25.76
N LEU A 334 -4.38 -14.17 -25.15
CA LEU A 334 -3.83 -14.87 -23.99
C LEU A 334 -4.81 -14.90 -22.82
N ILE A 335 -5.43 -13.76 -22.52
CA ILE A 335 -6.35 -13.69 -21.39
C ILE A 335 -7.60 -14.53 -21.64
N ARG A 336 -8.13 -14.44 -22.85
CA ARG A 336 -9.26 -15.28 -23.24
C ARG A 336 -8.96 -16.77 -23.16
N ALA A 337 -7.71 -17.15 -23.48
CA ALA A 337 -7.29 -18.54 -23.47
C ALA A 337 -6.91 -19.04 -22.07
N GLY A 338 -6.88 -18.12 -21.11
CA GLY A 338 -6.50 -18.47 -19.75
C GLY A 338 -5.01 -18.76 -19.60
N GLU A 339 -4.20 -18.21 -20.50
CA GLU A 339 -2.77 -18.47 -20.50
C GLU A 339 -2.04 -17.68 -19.43
N ILE A 340 -1.09 -18.34 -18.78
CA ILE A 340 -0.28 -17.70 -17.74
C ILE A 340 0.45 -16.46 -18.25
N LEU A 341 0.97 -16.51 -19.47
CA LEU A 341 1.67 -15.34 -20.02
C LEU A 341 0.75 -14.11 -20.08
N GLY A 342 -0.55 -14.34 -20.25
CA GLY A 342 -1.52 -13.24 -20.23
C GLY A 342 -1.47 -12.51 -18.89
N ALA A 343 -1.50 -13.27 -17.80
CA ALA A 343 -1.43 -12.69 -16.46
C ALA A 343 -0.09 -11.96 -16.25
N MET A 344 0.99 -12.56 -16.74
CA MET A 344 2.31 -11.96 -16.61
C MET A 344 2.37 -10.61 -17.31
N LEU A 345 1.90 -10.54 -18.54
CA LEU A 345 2.00 -9.30 -19.31
C LEU A 345 1.08 -8.22 -18.77
N MET A 346 -0.15 -8.58 -18.44
CA MET A 346 -1.11 -7.62 -17.89
C MET A 346 -0.60 -7.02 -16.58
N THR A 347 -0.05 -7.88 -15.72
CA THR A 347 0.42 -7.43 -14.41
C THR A 347 1.64 -6.51 -14.55
N GLU A 348 2.59 -6.88 -15.41
CA GLU A 348 3.76 -6.05 -15.61
C GLU A 348 3.36 -4.68 -16.12
N HIS A 349 2.47 -4.64 -17.11
CA HIS A 349 2.02 -3.35 -17.63
C HIS A 349 1.31 -2.52 -16.56
N ASN A 350 0.38 -3.13 -15.83
CA ASN A 350 -0.40 -2.37 -14.84
C ASN A 350 0.47 -1.79 -13.74
N ILE A 351 1.40 -2.58 -13.23
CA ILE A 351 2.30 -2.08 -12.20
CA ILE A 351 2.33 -2.10 -12.20
C ILE A 351 3.22 -1.01 -12.77
N ALA A 352 3.65 -1.19 -14.02
CA ALA A 352 4.47 -0.17 -14.67
C ALA A 352 3.68 1.13 -14.85
N PHE A 353 2.41 1.00 -15.21
CA PHE A 353 1.54 2.17 -15.37
C PHE A 353 1.44 2.92 -14.05
N TYR A 354 1.20 2.19 -12.97
CA TYR A 354 1.12 2.80 -11.65
C TYR A 354 2.41 3.54 -11.30
N GLN A 355 3.55 2.93 -11.61
CA GLN A 355 4.83 3.58 -11.29
C GLN A 355 5.06 4.82 -12.14
N GLN A 356 4.63 4.77 -13.40
CA GLN A 356 4.73 5.95 -14.27
C GLN A 356 3.83 7.07 -13.76
N LEU A 357 2.65 6.71 -13.26
CA LEU A 357 1.77 7.67 -12.63
C LEU A 357 2.47 8.34 -11.44
N MET A 358 3.09 7.52 -10.58
CA MET A 358 3.77 8.07 -9.40
C MET A 358 4.91 8.99 -9.83
N GLN A 359 5.64 8.60 -10.88
CA GLN A 359 6.74 9.43 -11.37
C GLN A 359 6.24 10.78 -11.88
N LYS A 360 5.13 10.76 -12.61
CA LYS A 360 4.54 12.01 -13.12
C LYS A 360 4.07 12.88 -11.96
N ILE A 361 3.51 12.24 -10.93
CA ILE A 361 3.10 12.97 -9.74
C ILE A 361 4.31 13.62 -9.06
N ARG A 362 5.37 12.83 -8.84
CA ARG A 362 6.58 13.35 -8.21
C ARG A 362 7.20 14.51 -9.01
N ASP A 363 7.32 14.31 -10.32
CA ASP A 363 7.92 15.33 -11.18
C ASP A 363 7.09 16.62 -11.18
N SER A 364 5.77 16.48 -11.24
CA SER A 364 4.92 17.65 -11.28
C SER A 364 4.95 18.44 -9.98
N ILE A 365 4.99 17.74 -8.84
CA ILE A 365 5.14 18.43 -7.56
C ILE A 365 6.48 19.16 -7.50
N SER A 366 7.54 18.48 -7.92
CA SER A 366 8.89 19.05 -7.91
C SER A 366 8.96 20.32 -8.77
N GLU A 367 8.12 20.37 -9.80
CA GLU A 367 8.10 21.49 -10.73
C GLU A 367 6.98 22.49 -10.45
N GLY A 368 6.23 22.26 -9.37
CA GLY A 368 5.19 23.19 -8.97
C GLY A 368 4.03 23.26 -9.94
N ARG A 369 3.75 22.15 -10.61
CA ARG A 369 2.66 22.10 -11.58
C ARG A 369 1.78 20.86 -11.37
N PHE A 370 1.71 20.39 -10.13
CA PHE A 370 0.93 19.20 -9.82
C PHE A 370 -0.56 19.44 -9.97
N SER A 371 -1.02 20.62 -9.56
CA SER A 371 -2.42 20.96 -9.70
C SER A 371 -2.86 20.87 -11.15
N GLN A 372 -2.01 21.37 -12.05
CA GLN A 372 -2.29 21.31 -13.48
C GLN A 372 -2.27 19.86 -13.97
N PHE A 373 -1.30 19.08 -13.49
CA PHE A 373 -1.22 17.68 -13.87
C PHE A 373 -2.48 16.91 -13.47
N ALA A 374 -2.95 17.14 -12.26
CA ALA A 374 -4.16 16.45 -11.76
C ALA A 374 -5.35 16.78 -12.65
N GLN A 375 -5.47 18.05 -13.03
CA GLN A 375 -6.55 18.47 -13.90
C GLN A 375 -6.44 17.83 -15.28
N ASP A 376 -5.25 17.86 -15.86
CA ASP A 376 -5.00 17.26 -17.17
C ASP A 376 -5.23 15.75 -17.14
N PHE A 377 -4.74 15.11 -16.09
CA PHE A 377 -4.92 13.67 -15.92
C PHE A 377 -6.40 13.27 -15.92
N ARG A 378 -7.19 13.94 -15.09
CA ARG A 378 -8.62 13.63 -14.97
CA ARG A 378 -8.61 13.62 -14.97
C ARG A 378 -9.39 13.87 -16.26
N ALA A 379 -9.08 14.98 -16.93
CA ALA A 379 -9.78 15.35 -18.16
C ALA A 379 -9.62 14.27 -19.23
N ARG A 380 -8.43 13.68 -19.30
CA ARG A 380 -8.16 12.66 -20.31
C ARG A 380 -8.61 11.27 -19.86
N TYR A 381 -8.36 10.96 -18.58
CA TYR A 381 -8.65 9.64 -18.04
C TYR A 381 -10.16 9.38 -18.05
N PHE A 382 -10.94 10.44 -17.86
CA PHE A 382 -12.39 10.32 -17.81
C PHE A 382 -13.10 10.91 -19.04
N ALA A 383 -12.35 11.12 -20.12
CA ALA A 383 -12.92 11.69 -21.35
C ALA A 383 -13.94 10.75 -21.98
ZN ZN B . 2.68 -0.79 -20.78
C1 GOL C . 15.01 -7.63 -7.46
O1 GOL C . 15.69 -8.65 -8.16
C2 GOL C . 16.01 -6.91 -6.57
O2 GOL C . 16.12 -7.64 -5.36
C3 GOL C . 15.55 -5.49 -6.30
O3 GOL C . 16.65 -4.70 -5.90
C1 GOL D . -0.25 11.40 -19.69
O1 GOL D . 0.52 11.64 -20.85
C2 GOL D . -0.46 12.72 -18.97
O2 GOL D . 0.65 12.98 -18.14
C3 GOL D . -1.72 12.66 -18.12
O3 GOL D . -2.85 12.52 -18.96
C1 GOL E . 9.83 14.57 16.59
O1 GOL E . 10.72 13.56 17.01
C2 GOL E . 9.14 14.15 15.31
O2 GOL E . 9.86 14.68 14.21
C3 GOL E . 7.72 14.68 15.28
O3 GOL E . 7.03 14.12 14.18
C1 GOL F . 14.29 -7.52 11.52
O1 GOL F . 13.42 -7.05 12.53
C2 GOL F . 15.39 -6.49 11.30
O2 GOL F . 16.57 -7.14 10.87
C3 GOL F . 14.94 -5.48 10.26
O3 GOL F . 14.51 -6.15 9.09
N1 SAQ G . -5.92 -1.03 9.05
N3 SAQ G . -5.14 -2.42 7.30
C4 SAQ G . -6.06 -1.80 6.45
C5 SAQ G . -6.91 -0.78 6.89
C6 SAQ G . -6.85 -0.36 8.29
C7 SAQ G . -7.81 -0.20 6.01
C8 SAQ G . -7.90 -0.66 4.70
C10 SAQ G . -6.14 -2.26 5.13
N12 SAQ G . -8.73 -0.36 3.65
C13 SAQ G . -8.41 -1.21 2.65
C2 SAQ G . -5.11 -2.01 8.56
C9 SAQ G . -7.08 -1.69 4.26
N14 SAQ G . -7.42 -2.02 2.94
N15 SAQ G . -9.08 -1.18 1.49
O16 SAQ G . -7.59 0.49 8.80
C25 SAQ G . -8.80 -2.10 0.41
C11 SAQ G . -9.56 -3.36 0.64
C11 SAQ G . -9.87 -2.20 -0.62
S1 SAQ G . -11.26 -3.33 0.86
S1 SAQ G . -11.28 -3.12 -0.36
C12 SAQ G . -11.32 -5.03 1.07
C12 SAQ G . -11.90 -2.75 -1.90
C131 SAQ G . -10.10 -5.59 0.97
C131 SAQ G . -11.08 -1.94 -2.59
C14 SAQ G . -9.07 -4.64 0.72
C14 SAQ G . -9.90 -1.62 -1.86
#